data_3G75
#
_entry.id   3G75
#
_cell.length_a   145.470
_cell.length_b   57.600
_cell.length_c   50.940
_cell.angle_alpha   90.00
_cell.angle_beta   97.95
_cell.angle_gamma   90.00
#
_symmetry.space_group_name_H-M   'C 1 2 1'
#
loop_
_entity.id
_entity.type
_entity.pdbx_description
1 polymer 'DNA gyrase subunit B'
2 non-polymer 4-methyl-5-[3-(methylsulfanyl)-1H-pyrazol-5-yl]-2-thiophen-2-yl-1,3-thiazole
3 water water
#
_entity_poly.entity_id   1
_entity_poly.type   'polypeptide(L)'
_entity_poly.pdbx_seq_one_letter_code
;GLEAVRKRPGMYIGSTSERGLHHLVWEIVDNSIDEALAGYANQIEVVIEKDNWIKVTDNGRGIPVDIQEKMGRPAVEVIL
TSSVVNALSQDLEVYVHRNETIYHQAYKKGVPQFDLKEVGTTDKTGTVIRFKADGEIFTETTVYNYETLQQRIRELAFLN
KGIQITLRDERDEENVREDSYHYE
;
_entity_poly.pdbx_strand_id   A,B
#
loop_
_chem_comp.id
_chem_comp.type
_chem_comp.name
_chem_comp.formula
B48 non-polymer 4-methyl-5-[3-(methylsulfanyl)-1H-pyrazol-5-yl]-2-thiophen-2-yl-1,3-thiazole 'C12 H11 N3 S3'
#
# COMPACT_ATOMS: atom_id res chain seq x y z
N GLY A 1 -11.86 -38.29 -1.04
CA GLY A 1 -12.32 -38.44 -2.47
C GLY A 1 -11.58 -37.50 -3.40
N LEU A 2 -10.56 -36.83 -2.87
CA LEU A 2 -9.75 -35.92 -3.66
C LEU A 2 -8.72 -36.68 -4.48
N GLU A 3 -8.73 -38.00 -4.34
CA GLU A 3 -7.77 -38.86 -5.03
C GLU A 3 -8.09 -38.97 -6.51
N ALA A 4 -9.38 -38.87 -6.85
CA ALA A 4 -9.81 -38.86 -8.24
C ALA A 4 -9.40 -37.53 -8.87
N VAL A 5 -9.45 -36.47 -8.07
CA VAL A 5 -9.25 -35.12 -8.58
C VAL A 5 -7.83 -34.97 -9.12
N ARG A 6 -6.89 -35.63 -8.47
CA ARG A 6 -5.50 -35.57 -8.92
C ARG A 6 -5.24 -36.63 -10.00
N LYS A 7 -6.31 -37.24 -10.49
CA LYS A 7 -6.20 -38.16 -11.62
C LYS A 7 -6.79 -37.58 -12.89
N ARG A 8 -7.99 -36.99 -12.78
CA ARG A 8 -8.68 -36.44 -13.94
C ARG A 8 -9.09 -35.00 -13.67
N PRO A 9 -8.11 -34.14 -13.35
CA PRO A 9 -8.41 -32.77 -12.94
C PRO A 9 -9.08 -31.95 -14.03
N GLY A 10 -9.49 -32.62 -15.11
CA GLY A 10 -10.04 -31.92 -16.25
C GLY A 10 -11.52 -31.61 -16.11
N MET A 11 -12.23 -32.46 -15.36
CA MET A 11 -13.64 -32.21 -15.12
C MET A 11 -13.79 -31.06 -14.15
N TYR A 12 -12.94 -31.08 -13.13
CA TYR A 12 -13.04 -30.16 -12.01
C TYR A 12 -12.66 -28.74 -12.44
N ILE A 13 -11.61 -28.65 -13.26
CA ILE A 13 -10.95 -27.38 -13.49
C ILE A 13 -10.98 -26.98 -14.97
N GLY A 14 -10.86 -27.96 -15.86
CA GLY A 14 -10.83 -27.67 -17.28
C GLY A 14 -9.47 -27.14 -17.73
N SER A 15 -8.68 -28.01 -18.35
CA SER A 15 -7.35 -27.67 -18.86
C SER A 15 -6.36 -27.36 -17.74
N THR A 16 -5.20 -28.02 -17.77
CA THR A 16 -4.14 -27.78 -16.81
C THR A 16 -3.15 -26.70 -17.26
N SER A 17 -3.56 -25.86 -18.20
CA SER A 17 -2.69 -24.82 -18.75
C SER A 17 -2.84 -23.50 -17.99
N GLU A 18 -2.24 -22.43 -18.50
CA GLU A 18 -2.15 -21.16 -17.78
C GLU A 18 -3.48 -20.64 -17.24
N ARG A 19 -4.55 -20.86 -18.01
CA ARG A 19 -5.89 -20.42 -17.62
C ARG A 19 -6.45 -21.26 -16.48
N GLY A 20 -5.89 -22.45 -16.30
CA GLY A 20 -6.33 -23.32 -15.22
C GLY A 20 -5.59 -22.97 -13.94
N LEU A 21 -4.38 -22.42 -14.12
CA LEU A 21 -3.61 -21.87 -13.01
C LEU A 21 -4.34 -20.69 -12.36
N HIS A 22 -4.85 -19.77 -13.17
CA HIS A 22 -5.49 -18.57 -12.64
C HIS A 22 -6.89 -18.86 -12.06
N HIS A 23 -7.46 -20.02 -12.38
CA HIS A 23 -8.79 -20.39 -11.87
C HIS A 23 -8.76 -20.89 -10.43
N LEU A 24 -7.59 -21.30 -9.96
CA LEU A 24 -7.40 -21.62 -8.54
C LEU A 24 -7.74 -20.39 -7.72
N VAL A 25 -7.24 -19.24 -8.16
CA VAL A 25 -7.42 -17.99 -7.40
C VAL A 25 -8.90 -17.66 -7.26
N TRP A 26 -9.66 -17.78 -8.34
CA TRP A 26 -11.08 -17.40 -8.30
C TRP A 26 -11.89 -18.37 -7.43
N GLU A 27 -11.33 -19.55 -7.20
CA GLU A 27 -11.97 -20.54 -6.33
C GLU A 27 -12.04 -20.03 -4.91
N ILE A 28 -10.89 -19.64 -4.38
CA ILE A 28 -10.80 -19.18 -3.00
C ILE A 28 -11.53 -17.84 -2.90
N VAL A 29 -11.31 -16.98 -3.88
CA VAL A 29 -11.90 -15.65 -3.85
C VAL A 29 -13.41 -15.70 -3.82
N ASP A 30 -14.00 -16.65 -4.55
CA ASP A 30 -15.44 -16.84 -4.48
C ASP A 30 -15.93 -16.94 -3.03
N ASN A 31 -15.15 -17.59 -2.18
CA ASN A 31 -15.59 -17.86 -0.81
C ASN A 31 -15.72 -16.59 0.01
N SER A 32 -14.80 -15.65 -0.22
CA SER A 32 -14.79 -14.41 0.54
C SER A 32 -15.92 -13.53 0.04
N ILE A 33 -16.26 -13.69 -1.24
CA ILE A 33 -17.40 -12.98 -1.82
C ILE A 33 -18.67 -13.47 -1.14
N ASP A 34 -18.74 -14.76 -0.85
CA ASP A 34 -19.90 -15.27 -0.12
C ASP A 34 -20.02 -14.52 1.21
N GLU A 35 -18.93 -14.45 1.96
CA GLU A 35 -18.92 -13.75 3.25
C GLU A 35 -19.31 -12.29 3.10
N ALA A 36 -18.86 -11.65 2.04
CA ALA A 36 -19.32 -10.29 1.73
C ALA A 36 -20.85 -10.27 1.52
N LEU A 37 -21.34 -11.12 0.63
CA LEU A 37 -22.77 -11.16 0.31
C LEU A 37 -23.69 -11.44 1.51
N ALA A 38 -23.20 -12.18 2.51
CA ALA A 38 -24.00 -12.51 3.68
C ALA A 38 -24.07 -11.33 4.67
N GLY A 39 -23.06 -10.47 4.63
CA GLY A 39 -23.13 -9.22 5.36
C GLY A 39 -22.09 -9.09 6.45
N TYR A 40 -21.03 -9.91 6.39
CA TYR A 40 -20.00 -9.85 7.43
C TYR A 40 -18.62 -9.41 6.93
N ALA A 41 -18.28 -9.73 5.69
CA ALA A 41 -17.02 -9.26 5.10
C ALA A 41 -17.20 -7.94 4.36
N ASN A 42 -16.21 -7.05 4.48
CA ASN A 42 -16.16 -5.80 3.70
C ASN A 42 -14.75 -5.48 3.17
N GLN A 43 -13.80 -6.36 3.44
CA GLN A 43 -12.41 -6.11 3.09
C GLN A 43 -11.77 -7.44 2.68
N ILE A 44 -11.01 -7.43 1.58
CA ILE A 44 -10.47 -8.64 0.94
C ILE A 44 -9.13 -8.36 0.25
N GLU A 45 -8.13 -9.21 0.45
CA GLU A 45 -6.79 -8.94 -0.07
C GLU A 45 -6.15 -10.12 -0.80
N VAL A 46 -5.54 -9.86 -1.96
CA VAL A 46 -4.81 -10.89 -2.71
C VAL A 46 -3.35 -10.52 -2.93
N VAL A 47 -2.42 -11.38 -2.52
CA VAL A 47 -1.01 -11.14 -2.80
C VAL A 47 -0.41 -12.30 -3.58
N ILE A 48 0.38 -11.99 -4.61
CA ILE A 48 1.27 -12.99 -5.21
C ILE A 48 2.61 -12.87 -4.51
N GLU A 49 2.96 -13.86 -3.71
CA GLU A 49 4.19 -13.82 -2.92
C GLU A 49 5.35 -14.45 -3.68
N LYS A 50 6.50 -14.52 -3.03
CA LYS A 50 7.71 -15.06 -3.63
C LYS A 50 7.51 -16.52 -4.00
N ASP A 51 8.10 -16.92 -5.14
CA ASP A 51 8.02 -18.31 -5.62
C ASP A 51 6.61 -18.63 -6.10
N ASN A 52 5.80 -17.59 -6.26
CA ASN A 52 4.43 -17.72 -6.75
C ASN A 52 3.51 -18.57 -5.84
N TRP A 53 3.63 -18.39 -4.53
CA TRP A 53 2.53 -18.70 -3.60
C TRP A 53 1.42 -17.65 -3.79
N ILE A 54 0.25 -17.89 -3.21
CA ILE A 54 -0.89 -16.95 -3.32
C ILE A 54 -1.64 -16.76 -1.98
N LYS A 55 -1.84 -15.52 -1.56
CA LYS A 55 -2.52 -15.30 -0.29
C LYS A 55 -3.82 -14.50 -0.37
N VAL A 56 -4.91 -15.12 0.10
CA VAL A 56 -6.20 -14.44 0.17
C VAL A 56 -6.58 -14.23 1.62
N THR A 57 -7.03 -13.03 1.95
CA THR A 57 -7.35 -12.67 3.33
C THR A 57 -8.65 -11.85 3.32
N ASP A 58 -9.60 -12.22 4.19
CA ASP A 58 -10.80 -11.41 4.35
C ASP A 58 -11.14 -11.20 5.83
N ASN A 59 -12.10 -10.31 6.12
CA ASN A 59 -12.51 -10.08 7.51
C ASN A 59 -13.93 -10.53 7.82
N GLY A 60 -14.37 -11.58 7.13
CA GLY A 60 -15.64 -12.22 7.47
C GLY A 60 -15.59 -12.88 8.84
N ARG A 61 -16.41 -13.92 9.02
CA ARG A 61 -16.59 -14.56 10.33
C ARG A 61 -15.54 -15.61 10.65
N GLY A 62 -14.84 -16.09 9.63
CA GLY A 62 -13.95 -17.23 9.83
C GLY A 62 -14.66 -18.54 9.56
N ILE A 63 -13.97 -19.45 8.85
CA ILE A 63 -14.46 -20.81 8.67
C ILE A 63 -14.79 -21.42 10.03
N PRO A 64 -15.89 -22.20 10.10
CA PRO A 64 -16.35 -22.90 11.30
C PRO A 64 -15.35 -23.97 11.78
N VAL A 65 -15.12 -24.03 13.09
CA VAL A 65 -14.14 -24.95 13.65
C VAL A 65 -14.75 -26.08 14.49
N ASP A 66 -15.99 -25.89 14.94
CA ASP A 66 -16.68 -26.89 15.77
C ASP A 66 -16.57 -28.34 15.29
N ILE A 67 -16.48 -29.28 16.24
CA ILE A 67 -16.31 -30.70 15.93
C ILE A 67 -17.57 -31.36 15.39
N GLN A 68 -17.43 -32.14 14.33
CA GLN A 68 -18.58 -32.76 13.65
C GLN A 68 -19.00 -34.10 14.26
N GLU A 69 -20.21 -34.53 13.92
CA GLU A 69 -20.84 -35.67 14.59
C GLU A 69 -20.65 -37.00 13.86
N LYS A 70 -20.04 -36.95 12.68
CA LYS A 70 -19.79 -38.15 11.88
C LYS A 70 -18.44 -38.80 12.23
N MET A 71 -17.47 -37.98 12.64
CA MET A 71 -16.12 -38.47 12.83
C MET A 71 -15.33 -37.68 13.90
N GLY A 72 -15.96 -36.66 14.47
CA GLY A 72 -15.32 -35.90 15.51
C GLY A 72 -14.25 -34.95 14.99
N ARG A 73 -14.23 -34.76 13.68
CA ARG A 73 -13.27 -33.85 13.05
C ARG A 73 -13.86 -32.43 12.85
N PRO A 74 -13.04 -31.40 13.03
CA PRO A 74 -13.47 -30.00 12.92
C PRO A 74 -14.13 -29.68 11.57
N ALA A 75 -15.03 -28.70 11.57
CA ALA A 75 -15.73 -28.31 10.36
C ALA A 75 -14.75 -27.87 9.29
N VAL A 76 -13.79 -27.02 9.67
CA VAL A 76 -12.82 -26.49 8.72
C VAL A 76 -11.98 -27.56 8.00
N GLU A 77 -11.64 -28.67 8.69
CA GLU A 77 -10.90 -29.75 8.05
C GLU A 77 -11.79 -30.58 7.13
N VAL A 78 -13.01 -30.89 7.57
CA VAL A 78 -13.95 -31.63 6.74
C VAL A 78 -14.12 -30.86 5.42
N ILE A 79 -14.15 -29.54 5.50
CA ILE A 79 -14.37 -28.69 4.34
C ILE A 79 -13.18 -28.58 3.39
N LEU A 80 -11.98 -28.38 3.92
CA LEU A 80 -10.79 -28.30 3.07
C LEU A 80 -10.40 -29.64 2.43
N THR A 81 -10.65 -30.74 3.12
CA THR A 81 -10.29 -32.03 2.54
C THR A 81 -11.26 -32.39 1.42
N SER A 82 -12.15 -31.47 1.08
CA SER A 82 -13.01 -31.61 -0.10
C SER A 82 -12.76 -30.52 -1.13
N SER A 83 -11.63 -29.84 -1.02
CA SER A 83 -11.37 -28.66 -1.86
C SER A 83 -10.52 -28.99 -3.09
N VAL A 84 -11.04 -28.65 -4.25
CA VAL A 84 -10.31 -28.76 -5.51
C VAL A 84 -8.95 -28.06 -5.41
N VAL A 85 -8.96 -26.77 -5.11
CA VAL A 85 -7.70 -26.03 -4.93
C VAL A 85 -6.71 -26.79 -4.04
N ASN A 86 -7.20 -27.38 -2.95
CA ASN A 86 -6.31 -28.03 -1.99
C ASN A 86 -5.72 -29.31 -2.57
N ALA A 87 -6.50 -30.03 -3.35
CA ALA A 87 -6.06 -31.25 -3.98
C ALA A 87 -4.92 -30.98 -4.95
N LEU A 88 -5.10 -29.97 -5.80
CA LEU A 88 -4.10 -29.63 -6.82
C LEU A 88 -3.00 -28.68 -6.35
N SER A 89 -2.94 -28.41 -5.05
CA SER A 89 -1.85 -27.61 -4.47
C SER A 89 -0.89 -28.52 -3.76
N GLN A 90 0.41 -28.32 -3.95
CA GLN A 90 1.41 -29.16 -3.33
C GLN A 90 1.66 -28.82 -1.85
N ASP A 91 1.48 -27.55 -1.49
CA ASP A 91 1.39 -27.16 -0.08
C ASP A 91 0.22 -26.18 0.09
N LEU A 92 -0.48 -26.24 1.22
CA LEU A 92 -1.51 -25.24 1.53
C LEU A 92 -1.73 -25.02 3.03
N GLU A 93 -1.86 -23.76 3.44
CA GLU A 93 -1.99 -23.40 4.86
C GLU A 93 -3.23 -22.56 5.13
N VAL A 94 -3.78 -22.69 6.33
CA VAL A 94 -4.96 -21.90 6.71
C VAL A 94 -4.83 -21.33 8.13
N TYR A 95 -5.23 -20.07 8.30
CA TYR A 95 -5.35 -19.43 9.61
C TYR A 95 -6.77 -18.91 9.80
N VAL A 96 -7.35 -19.21 10.96
CA VAL A 96 -8.71 -18.75 11.23
C VAL A 96 -8.79 -17.99 12.54
N HIS A 97 -9.45 -16.83 12.52
CA HIS A 97 -9.65 -16.06 13.74
C HIS A 97 -11.10 -16.16 14.17
N ARG A 98 -11.33 -16.81 15.29
CA ARG A 98 -12.65 -17.26 15.72
C ARG A 98 -12.61 -17.51 17.24
N ASN A 99 -13.71 -17.18 17.92
CA ASN A 99 -13.83 -17.41 19.36
C ASN A 99 -12.67 -16.76 20.12
N GLU A 100 -12.21 -15.61 19.63
CA GLU A 100 -11.08 -14.92 20.24
C GLU A 100 -9.78 -15.72 20.12
N THR A 101 -9.71 -16.62 19.14
CA THR A 101 -8.55 -17.50 18.98
C THR A 101 -8.01 -17.54 17.55
N ILE A 102 -6.79 -18.04 17.40
CA ILE A 102 -6.18 -18.21 16.08
C ILE A 102 -5.83 -19.68 15.86
N TYR A 103 -6.63 -20.36 15.04
CA TYR A 103 -6.42 -21.79 14.76
C TYR A 103 -5.61 -21.98 13.48
N HIS A 104 -4.93 -23.12 13.34
CA HIS A 104 -4.03 -23.35 12.20
C HIS A 104 -3.84 -24.84 11.80
N GLN A 105 -3.90 -25.11 10.49
CA GLN A 105 -3.69 -26.46 9.93
C GLN A 105 -2.93 -26.39 8.58
N ALA A 106 -2.31 -27.49 8.14
CA ALA A 106 -1.43 -27.42 6.96
C ALA A 106 -1.30 -28.73 6.15
N TYR A 107 -1.39 -28.62 4.82
CA TYR A 107 -1.66 -29.79 3.98
C TYR A 107 -0.59 -30.06 2.92
N LYS A 108 -0.62 -31.26 2.36
CA LYS A 108 0.13 -31.57 1.13
C LYS A 108 -0.79 -32.35 0.18
N LYS A 109 -1.05 -31.78 -0.99
CA LYS A 109 -1.97 -32.39 -1.95
C LYS A 109 -3.30 -32.74 -1.29
N GLY A 110 -3.75 -31.92 -0.35
CA GLY A 110 -5.02 -32.18 0.29
C GLY A 110 -4.96 -33.15 1.46
N VAL A 111 -3.77 -33.70 1.72
CA VAL A 111 -3.57 -34.58 2.90
C VAL A 111 -3.12 -33.76 4.09
N PRO A 112 -3.87 -33.80 5.20
CA PRO A 112 -3.56 -33.04 6.41
C PRO A 112 -2.22 -33.43 7.02
N GLN A 113 -1.34 -32.45 7.22
CA GLN A 113 -0.03 -32.72 7.81
C GLN A 113 -0.06 -32.77 9.36
N PHE A 114 -1.06 -32.16 9.99
CA PHE A 114 -1.30 -32.35 11.43
C PHE A 114 -2.67 -31.81 11.87
N ASP A 115 -3.07 -32.12 13.10
CA ASP A 115 -4.36 -31.69 13.62
C ASP A 115 -4.47 -30.17 13.78
N LEU A 116 -5.63 -29.62 13.42
CA LEU A 116 -5.92 -28.22 13.74
C LEU A 116 -5.41 -27.94 15.15
N LYS A 117 -4.64 -26.88 15.28
CA LYS A 117 -4.15 -26.48 16.60
C LYS A 117 -4.24 -24.97 16.84
N GLU A 118 -4.27 -24.56 18.11
CA GLU A 118 -4.34 -23.14 18.51
C GLU A 118 -2.93 -22.53 18.57
N VAL A 119 -2.77 -21.33 18.00
CA VAL A 119 -1.47 -20.66 17.99
C VAL A 119 -1.48 -19.20 18.43
N GLY A 120 -2.55 -18.74 19.06
CA GLY A 120 -2.55 -17.37 19.58
C GLY A 120 -3.91 -16.82 19.96
N THR A 121 -3.96 -15.56 20.35
CA THR A 121 -5.23 -14.90 20.65
C THR A 121 -5.48 -13.83 19.62
N THR A 122 -6.73 -13.38 19.49
CA THR A 122 -7.07 -12.30 18.57
C THR A 122 -8.30 -11.55 19.07
N ASP A 123 -8.47 -10.31 18.62
CA ASP A 123 -9.72 -9.60 18.79
C ASP A 123 -10.35 -9.27 17.45
N LYS A 124 -9.88 -9.95 16.40
CA LYS A 124 -10.45 -9.83 15.06
C LYS A 124 -11.23 -11.06 14.69
N THR A 125 -11.78 -11.07 13.47
CA THR A 125 -12.29 -12.30 12.85
C THR A 125 -11.86 -12.37 11.37
N GLY A 126 -11.80 -13.57 10.82
CA GLY A 126 -11.42 -13.72 9.43
C GLY A 126 -10.63 -14.98 9.11
N THR A 127 -10.33 -15.17 7.84
CA THR A 127 -9.65 -16.36 7.39
C THR A 127 -8.49 -15.94 6.52
N VAL A 128 -7.37 -16.64 6.64
CA VAL A 128 -6.25 -16.45 5.72
C VAL A 128 -5.97 -17.80 5.04
N ILE A 129 -5.71 -17.76 3.73
CA ILE A 129 -5.31 -18.96 3.00
C ILE A 129 -4.12 -18.69 2.08
N ARG A 130 -3.13 -19.58 2.14
CA ARG A 130 -1.91 -19.51 1.33
C ARG A 130 -1.77 -20.86 0.63
N PHE A 131 -1.41 -20.88 -0.65
CA PHE A 131 -1.16 -22.15 -1.35
C PHE A 131 -0.13 -22.03 -2.47
N LYS A 132 0.41 -23.18 -2.89
CA LYS A 132 1.46 -23.22 -3.90
C LYS A 132 1.22 -24.36 -4.88
N ALA A 133 0.87 -24.00 -6.11
CA ALA A 133 0.40 -24.97 -7.10
C ALA A 133 1.33 -26.16 -7.30
N ASP A 134 0.73 -27.32 -7.55
CA ASP A 134 1.49 -28.54 -7.75
C ASP A 134 2.11 -28.54 -9.14
N GLY A 135 3.43 -28.37 -9.19
CA GLY A 135 4.10 -28.27 -10.48
C GLY A 135 3.98 -29.53 -11.31
N GLU A 136 4.07 -30.68 -10.66
CA GLU A 136 4.01 -31.94 -11.40
C GLU A 136 2.67 -32.06 -12.12
N ILE A 137 1.75 -31.15 -11.78
CA ILE A 137 0.44 -31.10 -12.42
C ILE A 137 0.35 -29.96 -13.42
N PHE A 138 0.64 -28.74 -12.96
CA PHE A 138 0.62 -27.58 -13.83
C PHE A 138 1.95 -27.46 -14.54
N THR A 139 2.28 -28.52 -15.27
CA THR A 139 3.44 -28.56 -16.15
C THR A 139 3.11 -27.60 -17.30
N GLU A 140 4.06 -26.73 -17.65
CA GLU A 140 3.86 -25.66 -18.64
C GLU A 140 4.26 -24.31 -18.05
N THR A 141 3.48 -23.85 -17.08
CA THR A 141 3.71 -22.56 -16.46
C THR A 141 3.28 -22.58 -14.99
N THR A 142 4.12 -22.04 -14.12
CA THR A 142 3.75 -21.88 -12.70
C THR A 142 3.85 -20.42 -12.31
N VAL A 143 3.89 -19.54 -13.31
CA VAL A 143 4.02 -18.10 -13.12
C VAL A 143 2.70 -17.39 -13.37
N TYR A 144 2.23 -16.68 -12.36
CA TYR A 144 1.02 -15.87 -12.48
C TYR A 144 1.27 -14.57 -13.27
N ASN A 145 0.18 -13.93 -13.70
CA ASN A 145 0.25 -12.74 -14.54
C ASN A 145 -0.59 -11.58 -13.96
N TYR A 146 0.06 -10.45 -13.68
CA TYR A 146 -0.60 -9.34 -13.00
C TYR A 146 -1.84 -8.82 -13.75
N GLU A 147 -1.67 -8.45 -15.02
CA GLU A 147 -2.78 -7.90 -15.80
C GLU A 147 -4.05 -8.75 -15.72
N THR A 148 -3.90 -10.06 -15.86
CA THR A 148 -5.05 -10.95 -15.85
C THR A 148 -5.80 -10.96 -14.51
N LEU A 149 -5.07 -11.02 -13.41
CA LEU A 149 -5.69 -11.00 -12.09
C LEU A 149 -6.31 -9.62 -11.86
N GLN A 150 -5.68 -8.60 -12.43
CA GLN A 150 -6.03 -7.23 -12.11
C GLN A 150 -7.36 -6.85 -12.75
N GLN A 151 -7.59 -7.34 -13.96
CA GLN A 151 -8.80 -7.02 -14.70
C GLN A 151 -10.01 -7.61 -13.99
N ARG A 152 -9.86 -8.83 -13.50
CA ARG A 152 -10.95 -9.53 -12.83
C ARG A 152 -11.27 -9.00 -11.43
N ILE A 153 -10.24 -8.57 -10.70
CA ILE A 153 -10.45 -7.91 -9.41
C ILE A 153 -11.35 -6.69 -9.63
N ARG A 154 -11.09 -5.95 -10.70
CA ARG A 154 -11.79 -4.70 -10.99
C ARG A 154 -13.27 -4.91 -11.32
N GLU A 155 -13.63 -6.06 -11.88
CA GLU A 155 -15.02 -6.33 -12.23
C GLU A 155 -15.76 -6.78 -11.00
N LEU A 156 -15.07 -7.55 -10.16
CA LEU A 156 -15.64 -8.06 -8.91
C LEU A 156 -16.04 -6.96 -7.93
N ALA A 157 -15.19 -5.95 -7.81
CA ALA A 157 -15.47 -4.80 -6.96
C ALA A 157 -16.62 -3.96 -7.53
N PHE A 158 -16.67 -3.81 -8.84
CA PHE A 158 -17.70 -2.98 -9.44
C PHE A 158 -19.03 -3.71 -9.34
N LEU A 159 -18.93 -5.03 -9.27
CA LEU A 159 -20.07 -5.92 -9.09
C LEU A 159 -20.55 -5.95 -7.62
N ASN A 160 -19.68 -5.53 -6.71
CA ASN A 160 -19.98 -5.57 -5.27
C ASN A 160 -19.69 -4.22 -4.59
N LYS A 161 -20.35 -3.16 -5.02
CA LYS A 161 -20.08 -1.82 -4.53
C LYS A 161 -20.09 -1.76 -2.99
N GLY A 162 -19.14 -1.02 -2.42
CA GLY A 162 -19.03 -0.95 -0.98
C GLY A 162 -17.92 -1.82 -0.40
N ILE A 163 -17.36 -2.71 -1.21
CA ILE A 163 -16.40 -3.71 -0.74
C ILE A 163 -14.99 -3.41 -1.25
N GLN A 164 -14.04 -3.25 -0.33
CA GLN A 164 -12.68 -2.91 -0.78
C GLN A 164 -11.85 -4.14 -1.16
N ILE A 165 -11.51 -4.28 -2.44
CA ILE A 165 -10.66 -5.40 -2.89
C ILE A 165 -9.26 -4.89 -3.31
N THR A 166 -8.21 -5.57 -2.84
CA THR A 166 -6.83 -5.14 -3.09
C THR A 166 -5.93 -6.26 -3.63
N LEU A 167 -5.07 -5.90 -4.59
CA LEU A 167 -4.09 -6.83 -5.16
C LEU A 167 -2.68 -6.26 -4.99
N ARG A 168 -1.71 -7.13 -4.79
CA ARG A 168 -0.32 -6.70 -4.63
C ARG A 168 0.63 -7.78 -5.13
N ASP A 169 1.71 -7.36 -5.78
CA ASP A 169 2.73 -8.29 -6.28
C ASP A 169 4.02 -8.13 -5.48
N GLU A 170 4.40 -9.17 -4.74
CA GLU A 170 5.56 -9.12 -3.85
C GLU A 170 6.73 -9.95 -4.34
N ARG A 171 6.66 -10.37 -5.61
CA ARG A 171 7.67 -11.25 -6.20
C ARG A 171 8.97 -10.51 -6.49
N ASP A 172 8.88 -9.24 -6.82
CA ASP A 172 10.05 -8.42 -7.03
C ASP A 172 10.29 -7.58 -5.78
N GLU A 173 11.04 -8.13 -4.82
CA GLU A 173 11.05 -7.58 -3.47
C GLU A 173 11.46 -6.11 -3.38
N GLU A 174 12.28 -5.65 -4.32
CA GLU A 174 12.75 -4.28 -4.34
C GLU A 174 11.78 -3.32 -5.04
N ASN A 175 10.83 -3.88 -5.76
CA ASN A 175 9.83 -3.07 -6.46
C ASN A 175 8.43 -3.63 -6.24
N VAL A 176 7.81 -3.23 -5.14
CA VAL A 176 6.48 -3.68 -4.79
C VAL A 176 5.42 -2.76 -5.41
N ARG A 177 4.36 -3.36 -5.94
CA ARG A 177 3.34 -2.65 -6.72
C ARG A 177 1.94 -3.08 -6.27
N GLU A 178 1.00 -2.15 -6.19
CA GLU A 178 -0.29 -2.43 -5.58
C GLU A 178 -1.46 -1.62 -6.19
N ASP A 179 -2.63 -2.26 -6.32
CA ASP A 179 -3.86 -1.54 -6.65
C ASP A 179 -5.01 -1.96 -5.70
N SER A 180 -5.86 -0.98 -5.36
CA SER A 180 -6.98 -1.16 -4.44
C SER A 180 -8.27 -0.49 -4.96
N TYR A 181 -9.35 -1.26 -5.05
CA TYR A 181 -10.60 -0.77 -5.63
C TYR A 181 -11.71 -0.73 -4.59
N HIS A 182 -12.46 0.37 -4.57
CA HIS A 182 -13.49 0.58 -3.56
C HIS A 182 -14.59 1.50 -4.10
N TYR A 183 -15.51 0.94 -4.89
CA TYR A 183 -16.57 1.73 -5.51
C TYR A 183 -17.67 2.13 -4.54
N GLU A 184 -17.96 3.43 -4.50
CA GLU A 184 -19.02 3.92 -3.64
C GLU A 184 -20.37 3.40 -4.10
N GLY B 1 12.00 38.21 0.61
CA GLY B 1 12.42 38.21 -0.82
C GLY B 1 11.49 37.37 -1.67
N LEU B 2 10.26 37.18 -1.20
CA LEU B 2 9.31 36.35 -1.91
C LEU B 2 8.72 37.07 -3.12
N GLU B 3 8.71 38.40 -3.08
CA GLU B 3 8.27 39.14 -4.24
C GLU B 3 9.20 38.87 -5.42
N ALA B 4 10.50 38.76 -5.16
CA ALA B 4 11.46 38.50 -6.22
C ALA B 4 11.17 37.18 -6.91
N VAL B 5 10.65 36.23 -6.14
CA VAL B 5 10.42 34.88 -6.66
C VAL B 5 9.14 34.80 -7.48
N ARG B 6 8.12 35.57 -7.08
CA ARG B 6 6.84 35.53 -7.77
C ARG B 6 6.88 36.38 -9.03
N LYS B 7 7.98 37.10 -9.23
CA LYS B 7 8.10 38.03 -10.35
C LYS B 7 8.83 37.39 -11.53
N ARG B 8 9.85 36.59 -11.24
CA ARG B 8 10.55 35.89 -12.28
C ARG B 8 10.81 34.44 -11.88
N PRO B 9 9.75 33.64 -11.87
CA PRO B 9 9.80 32.26 -11.38
C PRO B 9 10.65 31.37 -12.26
N GLY B 10 10.54 31.55 -13.58
CA GLY B 10 11.41 30.84 -14.51
C GLY B 10 12.88 30.93 -14.13
N MET B 11 13.26 32.03 -13.49
CA MET B 11 14.64 32.26 -13.05
C MET B 11 15.05 31.21 -12.04
N TYR B 12 14.16 30.92 -11.10
CA TYR B 12 14.41 29.97 -10.03
C TYR B 12 13.87 28.60 -10.41
N ILE B 13 12.73 28.61 -11.10
CA ILE B 13 11.95 27.40 -11.32
C ILE B 13 12.07 26.91 -12.77
N GLY B 14 12.32 27.84 -13.70
CA GLY B 14 12.29 27.50 -15.11
C GLY B 14 10.87 27.26 -15.58
N SER B 15 10.28 28.25 -16.24
CA SER B 15 8.88 28.19 -16.66
C SER B 15 7.91 27.81 -15.53
N THR B 16 6.66 28.25 -15.66
CA THR B 16 5.57 27.74 -14.84
C THR B 16 4.76 26.73 -15.66
N SER B 17 5.47 25.95 -16.48
CA SER B 17 4.85 24.96 -17.34
C SER B 17 4.77 23.61 -16.63
N GLU B 18 4.65 22.55 -17.42
CA GLU B 18 4.63 21.19 -16.91
C GLU B 18 5.97 20.81 -16.25
N ARG B 19 7.05 21.43 -16.72
CA ARG B 19 8.38 21.13 -16.18
C ARG B 19 8.52 21.67 -14.75
N GLY B 20 8.01 22.88 -14.52
CA GLY B 20 8.23 23.54 -13.25
C GLY B 20 7.36 23.05 -12.11
N LEU B 21 6.09 22.77 -12.41
CA LEU B 21 5.18 22.20 -11.42
C LEU B 21 5.77 20.98 -10.69
N HIS B 22 6.42 20.09 -11.45
CA HIS B 22 7.01 18.88 -10.91
C HIS B 22 8.29 19.16 -10.16
N HIS B 23 9.04 20.14 -10.65
CA HIS B 23 10.30 20.54 -10.03
C HIS B 23 10.06 20.98 -8.58
N LEU B 24 8.89 21.53 -8.31
CA LEU B 24 8.52 21.87 -6.94
C LEU B 24 8.71 20.62 -6.08
N VAL B 25 8.22 19.49 -6.56
CA VAL B 25 8.27 18.25 -5.80
C VAL B 25 9.72 17.84 -5.53
N TRP B 26 10.59 18.04 -6.50
CA TRP B 26 11.97 17.61 -6.34
C TRP B 26 12.70 18.43 -5.29
N GLU B 27 12.29 19.68 -5.11
CA GLU B 27 12.93 20.56 -4.14
C GLU B 27 12.61 20.18 -2.70
N ILE B 28 11.48 19.53 -2.48
CA ILE B 28 11.16 18.96 -1.18
C ILE B 28 11.84 17.60 -1.00
N VAL B 29 11.80 16.78 -2.04
CA VAL B 29 12.24 15.41 -1.92
C VAL B 29 13.75 15.38 -1.74
N ASP B 30 14.45 16.25 -2.44
CA ASP B 30 15.89 16.36 -2.28
C ASP B 30 16.28 16.66 -0.84
N ASN B 31 15.46 17.43 -0.15
CA ASN B 31 15.79 17.77 1.23
C ASN B 31 15.70 16.54 2.12
N SER B 32 14.66 15.73 1.92
CA SER B 32 14.55 14.48 2.66
C SER B 32 15.74 13.56 2.40
N ILE B 33 16.29 13.62 1.19
CA ILE B 33 17.38 12.73 0.84
C ILE B 33 18.69 13.12 1.54
N ASP B 34 18.94 14.42 1.69
CA ASP B 34 20.13 14.86 2.41
C ASP B 34 20.08 14.32 3.84
N GLU B 35 18.90 14.39 4.45
CA GLU B 35 18.71 13.84 5.78
C GLU B 35 19.07 12.35 5.80
N ALA B 36 18.70 11.64 4.74
CA ALA B 36 19.05 10.23 4.67
C ALA B 36 20.58 10.07 4.60
N LEU B 37 21.21 10.74 3.65
CA LEU B 37 22.66 10.65 3.48
C LEU B 37 23.39 11.15 4.73
N ALA B 38 22.76 12.06 5.46
CA ALA B 38 23.29 12.52 6.73
C ALA B 38 23.32 11.39 7.75
N GLY B 39 22.51 10.35 7.50
CA GLY B 39 22.52 9.19 8.36
C GLY B 39 21.43 9.19 9.41
N TYR B 40 20.35 9.96 9.18
CA TYR B 40 19.25 10.01 10.14
C TYR B 40 17.96 9.36 9.64
N ALA B 41 17.60 9.64 8.38
CA ALA B 41 16.37 9.08 7.83
C ALA B 41 16.66 7.83 7.00
N ASN B 42 15.65 6.96 6.86
CA ASN B 42 15.72 5.85 5.92
C ASN B 42 14.37 5.51 5.29
N GLN B 43 13.42 6.44 5.39
CA GLN B 43 12.09 6.23 4.82
C GLN B 43 11.46 7.54 4.36
N ILE B 44 10.77 7.49 3.22
CA ILE B 44 10.22 8.68 2.58
C ILE B 44 8.97 8.35 1.75
N GLU B 45 7.90 9.10 1.96
CA GLU B 45 6.67 8.86 1.22
C GLU B 45 6.14 10.11 0.54
N VAL B 46 5.70 9.93 -0.71
CA VAL B 46 5.19 11.00 -1.53
C VAL B 46 3.75 10.67 -1.90
N VAL B 47 2.80 11.51 -1.53
CA VAL B 47 1.41 11.24 -1.82
C VAL B 47 0.80 12.32 -2.72
N ILE B 48 0.12 11.90 -3.78
CA ILE B 48 -0.70 12.83 -4.58
C ILE B 48 -2.11 12.85 -4.00
N GLU B 49 -2.42 13.88 -3.23
CA GLU B 49 -3.69 13.91 -2.51
C GLU B 49 -4.84 14.37 -3.40
N LYS B 50 -6.05 14.20 -2.90
CA LYS B 50 -7.24 14.73 -3.57
C LYS B 50 -7.00 16.19 -3.98
N ASP B 51 -7.46 16.53 -5.18
CA ASP B 51 -7.39 17.88 -5.74
C ASP B 51 -5.97 18.37 -6.04
N ASN B 52 -5.02 17.44 -6.11
CA ASN B 52 -3.64 17.72 -6.50
C ASN B 52 -2.84 18.57 -5.50
N TRP B 53 -3.11 18.40 -4.22
CA TRP B 53 -2.11 18.68 -3.20
C TRP B 53 -0.94 17.69 -3.33
N ILE B 54 0.20 18.04 -2.78
CA ILE B 54 1.30 17.08 -2.61
C ILE B 54 1.77 17.00 -1.15
N LYS B 55 2.15 15.79 -0.72
CA LYS B 55 2.63 15.56 0.65
C LYS B 55 3.90 14.69 0.71
N VAL B 56 4.95 15.23 1.32
CA VAL B 56 6.20 14.50 1.47
C VAL B 56 6.46 14.27 2.94
N THR B 57 6.85 13.04 3.30
CA THR B 57 7.12 12.66 4.69
C THR B 57 8.44 11.88 4.82
N ASP B 58 9.27 12.22 5.80
CA ASP B 58 10.40 11.37 6.13
C ASP B 58 10.61 11.27 7.63
N ASN B 59 11.50 10.37 8.06
CA ASN B 59 11.80 10.15 9.48
C ASN B 59 13.21 10.61 9.88
N GLY B 60 13.61 11.77 9.37
CA GLY B 60 14.86 12.37 9.78
C GLY B 60 14.71 13.03 11.14
N ARG B 61 15.42 14.15 11.35
CA ARG B 61 15.50 14.80 12.64
C ARG B 61 14.43 15.87 12.85
N GLY B 62 13.87 16.37 11.76
CA GLY B 62 12.93 17.47 11.87
C GLY B 62 13.61 18.83 11.87
N ILE B 63 12.95 19.81 11.26
CA ILE B 63 13.49 21.15 11.22
C ILE B 63 13.53 21.72 12.64
N PRO B 64 14.55 22.53 12.98
CA PRO B 64 14.67 23.07 14.34
C PRO B 64 13.57 24.06 14.66
N VAL B 65 13.29 24.22 15.96
CA VAL B 65 12.19 25.05 16.41
C VAL B 65 12.68 26.09 17.41
N ASP B 66 13.97 26.05 17.74
CA ASP B 66 14.47 26.94 18.78
C ASP B 66 14.42 28.39 18.29
N ILE B 67 14.27 29.32 19.23
CA ILE B 67 14.21 30.74 18.91
C ILE B 67 15.58 31.27 18.47
N GLN B 68 15.57 32.10 17.43
CA GLN B 68 16.81 32.67 16.92
C GLN B 68 16.98 34.10 17.45
N GLU B 69 18.10 34.34 18.14
CA GLU B 69 18.35 35.62 18.79
C GLU B 69 18.87 36.64 17.80
N LYS B 70 18.18 36.77 16.67
CA LYS B 70 18.48 37.82 15.69
C LYS B 70 17.18 38.53 15.35
N MET B 71 16.08 37.90 15.74
CA MET B 71 14.74 38.44 15.50
C MET B 71 13.69 37.85 16.44
N GLY B 72 13.98 36.68 17.00
CA GLY B 72 13.04 36.07 17.94
C GLY B 72 11.89 35.30 17.29
N ARG B 73 12.10 34.83 16.06
CA ARG B 73 11.14 33.94 15.40
C ARG B 73 11.79 32.57 15.26
N PRO B 74 11.02 31.48 15.44
CA PRO B 74 11.55 30.13 15.41
C PRO B 74 12.33 29.77 14.14
N ALA B 75 13.34 28.93 14.29
CA ALA B 75 14.16 28.52 13.16
C ALA B 75 13.30 28.05 12.00
N VAL B 76 12.25 27.29 12.29
CA VAL B 76 11.48 26.70 11.21
C VAL B 76 10.67 27.74 10.42
N GLU B 77 10.12 28.73 11.11
CA GLU B 77 9.38 29.79 10.41
C GLU B 77 10.29 30.50 9.42
N VAL B 78 11.53 30.76 9.84
CA VAL B 78 12.47 31.49 9.01
C VAL B 78 12.78 30.69 7.75
N ILE B 79 12.95 29.38 7.92
CA ILE B 79 13.39 28.53 6.81
C ILE B 79 12.27 28.39 5.78
N LEU B 80 11.04 28.20 6.24
CA LEU B 80 9.91 27.99 5.35
C LEU B 80 9.53 29.27 4.60
N THR B 81 9.71 30.43 5.21
CA THR B 81 9.43 31.68 4.52
C THR B 81 10.62 32.18 3.69
N SER B 82 11.67 31.37 3.55
CA SER B 82 12.64 31.59 2.46
C SER B 82 12.60 30.51 1.39
N SER B 83 11.53 29.73 1.35
CA SER B 83 11.41 28.60 0.44
C SER B 83 10.78 29.05 -0.88
N VAL B 84 11.30 28.55 -1.99
CA VAL B 84 10.72 28.80 -3.30
C VAL B 84 9.37 28.09 -3.45
N VAL B 85 9.30 26.84 -3.00
CA VAL B 85 8.03 26.12 -3.04
C VAL B 85 6.97 26.92 -2.29
N ASN B 86 7.36 27.50 -1.17
CA ASN B 86 6.46 28.27 -0.32
C ASN B 86 5.91 29.52 -1.04
N ALA B 87 6.79 30.22 -1.76
CA ALA B 87 6.39 31.42 -2.47
C ALA B 87 5.32 31.11 -3.51
N LEU B 88 5.52 30.00 -4.22
CA LEU B 88 4.70 29.63 -5.35
C LEU B 88 3.55 28.66 -5.02
N SER B 89 3.13 28.65 -3.76
CA SER B 89 2.01 27.81 -3.36
C SER B 89 0.90 28.64 -2.71
N GLN B 90 -0.36 28.33 -3.00
CA GLN B 90 -1.45 29.14 -2.48
C GLN B 90 -1.80 28.75 -1.05
N ASP B 91 -1.60 27.46 -0.71
CA ASP B 91 -1.64 26.97 0.67
C ASP B 91 -0.45 26.03 0.93
N LEU B 92 0.01 25.95 2.18
CA LEU B 92 1.09 25.02 2.56
C LEU B 92 1.19 24.79 4.08
N GLU B 93 1.41 23.54 4.48
CA GLU B 93 1.49 23.14 5.90
C GLU B 93 2.79 22.41 6.25
N VAL B 94 3.22 22.58 7.49
CA VAL B 94 4.33 21.83 8.06
C VAL B 94 3.91 21.11 9.35
N TYR B 95 4.46 19.93 9.59
CA TYR B 95 4.47 19.33 10.92
C TYR B 95 5.86 18.82 11.29
N VAL B 96 6.34 19.23 12.45
CA VAL B 96 7.65 18.77 12.92
C VAL B 96 7.52 17.82 14.11
N HIS B 97 8.18 16.68 14.04
CA HIS B 97 8.24 15.75 15.17
C HIS B 97 9.60 15.77 15.80
N ARG B 98 9.68 16.28 17.02
CA ARG B 98 10.95 16.60 17.67
C ARG B 98 10.71 16.96 19.15
N ASN B 99 11.66 16.60 20.01
CA ASN B 99 11.51 16.87 21.44
C ASN B 99 10.23 16.24 21.98
N GLU B 100 9.86 15.09 21.44
CA GLU B 100 8.69 14.35 21.88
C GLU B 100 7.38 15.12 21.65
N THR B 101 7.46 16.21 20.88
CA THR B 101 6.30 17.07 20.63
C THR B 101 5.94 17.19 19.14
N ILE B 102 4.70 17.57 18.86
CA ILE B 102 4.25 17.85 17.48
C ILE B 102 3.98 19.35 17.31
N TYR B 103 4.72 20.01 16.41
CA TYR B 103 4.50 21.43 16.13
C TYR B 103 3.87 21.66 14.75
N HIS B 104 3.14 22.77 14.60
CA HIS B 104 2.38 23.01 13.38
C HIS B 104 2.30 24.49 13.00
N GLN B 105 2.55 24.81 11.74
CA GLN B 105 2.32 26.17 11.23
C GLN B 105 1.94 26.14 9.75
N ALA B 106 1.12 27.11 9.34
CA ALA B 106 0.63 27.14 7.97
C ALA B 106 0.80 28.51 7.32
N TYR B 107 0.95 28.53 6.00
CA TYR B 107 1.23 29.73 5.25
C TYR B 107 0.33 29.83 4.01
N LYS B 108 0.11 31.07 3.54
CA LYS B 108 -0.54 31.34 2.25
C LYS B 108 0.33 32.29 1.42
N LYS B 109 0.63 31.91 0.19
CA LYS B 109 1.61 32.62 -0.61
C LYS B 109 2.78 32.97 0.28
N GLY B 110 3.17 32.01 1.13
CA GLY B 110 4.38 32.15 1.91
C GLY B 110 4.30 33.05 3.14
N VAL B 111 3.10 33.54 3.46
CA VAL B 111 2.94 34.44 4.60
C VAL B 111 2.35 33.71 5.82
N PRO B 112 3.13 33.63 6.91
CA PRO B 112 2.68 32.85 8.07
C PRO B 112 1.31 33.30 8.54
N GLN B 113 0.44 32.33 8.87
CA GLN B 113 -0.95 32.63 9.21
C GLN B 113 -1.20 32.66 10.73
N PHE B 114 -0.25 32.13 11.50
CA PHE B 114 -0.32 32.17 12.96
C PHE B 114 0.96 31.61 13.55
N ASP B 115 1.30 32.06 14.75
CA ASP B 115 2.50 31.57 15.43
C ASP B 115 2.54 30.05 15.56
N LEU B 116 3.72 29.47 15.32
CA LEU B 116 3.95 28.03 15.49
C LEU B 116 3.35 27.51 16.79
N LYS B 117 2.55 26.45 16.72
CA LYS B 117 1.88 25.94 17.92
C LYS B 117 2.07 24.44 18.18
N GLU B 118 2.10 24.07 19.45
CA GLU B 118 2.20 22.68 19.86
C GLU B 118 0.79 22.05 19.85
N VAL B 119 0.61 20.97 19.11
CA VAL B 119 -0.71 20.33 19.00
C VAL B 119 -0.76 18.85 19.40
N GLY B 120 0.39 18.27 19.76
CA GLY B 120 0.39 16.88 20.17
C GLY B 120 1.69 16.35 20.76
N THR B 121 1.77 15.03 20.92
CA THR B 121 2.95 14.34 21.43
C THR B 121 3.36 13.22 20.47
N THR B 122 4.60 12.74 20.59
CA THR B 122 5.11 11.70 19.69
C THR B 122 6.31 10.95 20.25
N ASP B 123 6.47 9.70 19.85
CA ASP B 123 7.68 8.96 20.17
C ASP B 123 8.69 8.97 19.03
N LYS B 124 8.36 9.62 17.91
CA LYS B 124 9.30 9.67 16.80
C LYS B 124 9.78 11.08 16.45
N THR B 125 10.78 11.17 15.58
CA THR B 125 11.19 12.43 14.98
C THR B 125 10.97 12.43 13.47
N GLY B 126 10.75 13.61 12.89
CA GLY B 126 10.60 13.71 11.45
C GLY B 126 9.95 14.99 10.93
N THR B 127 9.62 15.03 9.64
CA THR B 127 8.97 16.20 9.05
C THR B 127 7.90 15.82 8.03
N VAL B 128 6.84 16.61 7.97
CA VAL B 128 5.84 16.45 6.91
C VAL B 128 5.61 17.80 6.24
N ILE B 129 5.45 17.79 4.90
CA ILE B 129 5.10 18.97 4.15
C ILE B 129 3.96 18.69 3.16
N ARG B 130 2.97 19.58 3.11
CA ARG B 130 1.83 19.48 2.19
C ARG B 130 1.68 20.83 1.49
N PHE B 131 1.57 20.85 0.17
CA PHE B 131 1.38 22.11 -0.54
C PHE B 131 0.52 22.03 -1.82
N LYS B 132 -0.22 23.10 -2.09
CA LYS B 132 -1.07 23.21 -3.28
C LYS B 132 -0.60 24.34 -4.18
N ALA B 133 -0.05 23.98 -5.35
CA ALA B 133 0.51 24.95 -6.28
C ALA B 133 -0.51 26.04 -6.65
N ASP B 134 0.00 27.26 -6.86
CA ASP B 134 -0.85 28.45 -6.90
C ASP B 134 -1.45 28.65 -8.29
N GLY B 135 -2.77 28.69 -8.36
CA GLY B 135 -3.44 28.86 -9.64
C GLY B 135 -3.18 30.23 -10.26
N GLU B 136 -2.90 31.21 -9.41
CA GLU B 136 -2.53 32.55 -9.90
C GLU B 136 -1.25 32.47 -10.73
N ILE B 137 -0.34 31.60 -10.29
CA ILE B 137 0.98 31.46 -10.91
C ILE B 137 1.00 30.31 -11.91
N PHE B 138 0.32 29.23 -11.56
CA PHE B 138 0.24 28.09 -12.45
C PHE B 138 -1.08 28.09 -13.20
N THR B 139 -1.26 29.11 -14.03
CA THR B 139 -2.23 29.07 -15.10
C THR B 139 -1.75 27.95 -16.02
N GLU B 140 -2.58 27.57 -16.98
CA GLU B 140 -2.22 26.54 -17.97
C GLU B 140 -2.49 25.10 -17.52
N THR B 141 -1.71 24.61 -16.54
CA THR B 141 -1.89 23.22 -16.06
C THR B 141 -1.57 23.04 -14.57
N THR B 142 -2.50 22.43 -13.83
CA THR B 142 -2.31 22.18 -12.39
C THR B 142 -2.27 20.68 -12.03
N VAL B 143 -2.17 19.82 -13.03
CA VAL B 143 -2.41 18.39 -12.79
C VAL B 143 -1.18 17.50 -12.97
N TYR B 144 -0.91 16.67 -11.97
CA TYR B 144 0.32 15.89 -11.91
C TYR B 144 0.27 14.62 -12.77
N ASN B 145 1.40 14.30 -13.39
CA ASN B 145 1.50 13.12 -14.25
C ASN B 145 2.14 11.98 -13.44
N TYR B 146 1.34 10.99 -13.03
CA TYR B 146 1.80 9.93 -12.13
C TYR B 146 3.04 9.23 -12.69
N GLU B 147 2.98 8.80 -13.94
CA GLU B 147 4.10 8.10 -14.55
C GLU B 147 5.38 8.92 -14.45
N THR B 148 5.27 10.24 -14.48
CA THR B 148 6.43 11.12 -14.40
C THR B 148 7.14 11.06 -13.05
N LEU B 149 6.36 11.12 -11.98
CA LEU B 149 6.93 11.06 -10.64
C LEU B 149 7.56 9.69 -10.35
N GLN B 150 6.91 8.64 -10.84
CA GLN B 150 7.39 7.28 -10.63
C GLN B 150 8.83 7.04 -11.11
N GLN B 151 9.14 7.48 -12.32
CA GLN B 151 10.42 7.10 -12.94
C GLN B 151 11.63 7.76 -12.28
N ARG B 152 11.43 8.96 -11.74
CA ARG B 152 12.49 9.64 -10.99
C ARG B 152 12.57 9.10 -9.57
N ILE B 153 11.43 8.78 -8.97
CA ILE B 153 11.42 8.13 -7.66
C ILE B 153 12.14 6.78 -7.69
N ARG B 154 12.13 6.07 -8.82
CA ARG B 154 12.86 4.82 -8.91
C ARG B 154 14.35 5.04 -9.10
N GLU B 155 14.72 6.08 -9.83
CA GLU B 155 16.13 6.40 -9.99
C GLU B 155 16.77 6.81 -8.67
N LEU B 156 16.07 7.67 -7.92
CA LEU B 156 16.56 8.11 -6.62
C LEU B 156 16.92 6.96 -5.69
N ALA B 157 16.02 5.97 -5.58
CA ALA B 157 16.21 4.85 -4.68
C ALA B 157 17.24 3.83 -5.16
N PHE B 158 17.40 3.71 -6.48
CA PHE B 158 18.47 2.90 -7.05
C PHE B 158 19.81 3.60 -6.87
N LEU B 159 19.78 4.94 -6.83
CA LEU B 159 21.00 5.73 -6.68
C LEU B 159 21.44 5.89 -5.23
N ASN B 160 20.49 5.83 -4.32
CA ASN B 160 20.80 5.90 -2.90
C ASN B 160 20.25 4.64 -2.24
N LYS B 161 21.07 3.59 -2.19
CA LYS B 161 20.60 2.28 -1.78
C LYS B 161 20.42 2.15 -0.26
N GLY B 162 19.27 1.63 0.15
CA GLY B 162 18.96 1.54 1.57
C GLY B 162 17.82 2.44 2.01
N ILE B 163 17.53 3.49 1.23
CA ILE B 163 16.36 4.32 1.49
C ILE B 163 15.14 3.64 0.86
N GLN B 164 14.08 3.43 1.63
CA GLN B 164 12.81 3.00 1.04
C GLN B 164 12.00 4.23 0.63
N ILE B 165 11.54 4.27 -0.62
CA ILE B 165 10.76 5.40 -1.13
C ILE B 165 9.41 4.94 -1.72
N THR B 166 8.32 5.55 -1.26
CA THR B 166 6.98 5.09 -1.62
C THR B 166 6.15 6.19 -2.30
N LEU B 167 5.56 5.86 -3.45
CA LEU B 167 4.67 6.78 -4.16
C LEU B 167 3.24 6.23 -4.18
N ARG B 168 2.29 7.08 -3.83
CA ARG B 168 0.90 6.67 -3.82
C ARG B 168 0.01 7.77 -4.43
N ASP B 169 -0.74 7.43 -5.48
CA ASP B 169 -1.74 8.33 -6.04
C ASP B 169 -3.12 8.00 -5.46
N GLU B 170 -3.69 8.93 -4.71
CA GLU B 170 -5.02 8.70 -4.13
C GLU B 170 -6.02 9.80 -4.51
N ARG B 171 -5.81 10.43 -5.66
CA ARG B 171 -6.77 11.39 -6.20
C ARG B 171 -8.17 10.77 -6.45
N ASP B 172 -8.22 9.57 -6.99
CA ASP B 172 -9.49 8.84 -7.16
C ASP B 172 -9.71 7.76 -6.10
N GLU B 173 -10.74 7.96 -5.28
CA GLU B 173 -11.01 7.11 -4.12
C GLU B 173 -11.37 5.66 -4.45
N GLU B 174 -11.89 5.42 -5.64
CA GLU B 174 -12.38 4.11 -6.01
C GLU B 174 -11.27 3.22 -6.54
N ASN B 175 -10.11 3.80 -6.80
CA ASN B 175 -8.99 3.07 -7.40
C ASN B 175 -7.61 3.66 -7.05
N VAL B 176 -6.97 3.14 -6.01
CA VAL B 176 -5.72 3.70 -5.50
C VAL B 176 -4.45 3.02 -6.04
N ARG B 177 -3.44 3.84 -6.34
CA ARG B 177 -2.16 3.38 -6.91
C ARG B 177 -1.03 3.50 -5.89
N GLU B 178 -0.12 2.52 -5.85
CA GLU B 178 1.07 2.60 -4.99
C GLU B 178 2.29 1.81 -5.50
N ASP B 179 3.45 2.47 -5.53
CA ASP B 179 4.72 1.81 -5.84
C ASP B 179 5.76 2.00 -4.72
N SER B 180 6.45 0.91 -4.35
CA SER B 180 7.46 0.96 -3.30
C SER B 180 8.85 0.44 -3.72
N TYR B 181 9.86 1.28 -3.58
CA TYR B 181 11.22 0.91 -3.95
C TYR B 181 12.14 0.82 -2.73
N HIS B 182 12.84 -0.31 -2.59
CA HIS B 182 13.73 -0.53 -1.46
C HIS B 182 14.90 -1.38 -1.92
N TYR B 183 15.92 -0.72 -2.47
CA TYR B 183 17.14 -1.41 -2.89
C TYR B 183 18.06 -1.62 -1.69
N GLU B 184 18.64 -2.81 -1.61
CA GLU B 184 19.54 -3.16 -0.51
C GLU B 184 20.92 -2.55 -0.71
C1 B48 C . -10.42 -16.75 1.96
S2 B48 C . -11.11 -18.41 2.19
C3 B48 C . -12.61 -18.15 3.06
C4 B48 C . -13.46 -19.16 3.56
C5 B48 C . -14.53 -18.53 4.19
N6 B48 C . -14.33 -17.19 4.06
N8 B48 C . -13.14 -16.99 3.36
C9 B48 C . -15.71 -19.15 4.88
S10 B48 C . -16.73 -18.27 6.02
C11 B48 C . -17.74 -19.68 6.27
N12 B48 C . -17.29 -20.66 5.54
C13 B48 C . -16.23 -20.44 4.79
C14 B48 C . -15.66 -21.55 3.91
C15 B48 C . -18.90 -19.74 7.17
C16 B48 C . -19.89 -20.67 7.13
C17 B48 C . -20.87 -20.49 8.08
C18 B48 C . -20.70 -19.44 8.90
S19 B48 C . -19.22 -18.58 8.47
C1 B48 D . 9.76 16.56 4.41
S2 B48 D . 10.94 17.66 3.58
C3 B48 D . 12.38 17.63 4.63
C4 B48 D . 12.95 18.74 5.30
C5 B48 D . 14.07 18.28 6.00
N6 B48 D . 14.17 16.94 5.74
N8 B48 D . 13.11 16.57 4.89
C9 B48 D . 15.03 19.05 6.87
S10 B48 D . 15.86 18.37 8.28
C11 B48 D . 16.67 19.90 8.57
N12 B48 D . 16.31 20.76 7.66
C13 B48 D . 15.46 20.37 6.75
C14 B48 D . 14.99 21.33 5.67
C15 B48 D . 17.63 20.18 9.66
C16 B48 D . 18.05 21.42 10.06
C17 B48 D . 18.95 21.42 11.08
C18 B48 D . 19.30 20.23 11.55
S19 B48 D . 18.45 18.97 10.66
#